data_6ITH
#
_entry.id   6ITH
#
_cell.length_a   1.000
_cell.length_b   1.000
_cell.length_c   1.000
_cell.angle_alpha   90.00
_cell.angle_beta   90.00
_cell.angle_gamma   90.00
#
_symmetry.space_group_name_H-M   'P 1'
#
_entity_poly.entity_id   1
_entity_poly.type   'polypeptide(L)'
_entity_poly.pdbx_seq_one_letter_code
;MEQSTEVLAAVIAGGVIGFLFAIFLILLLVYRMRKHHHHHH
;
_entity_poly.pdbx_strand_id   A
#
# COMPACT_ATOMS: atom_id res chain seq x y z
N MET A 1 11.49 0.80 -24.88
CA MET A 1 11.68 1.73 -23.77
C MET A 1 13.12 1.71 -23.27
N GLU A 2 13.68 2.88 -23.04
CA GLU A 2 15.06 2.99 -22.57
C GLU A 2 15.10 3.46 -21.12
N GLN A 3 14.16 4.31 -20.74
CA GLN A 3 14.09 4.84 -19.38
C GLN A 3 13.48 3.81 -18.44
N SER A 4 13.56 4.08 -17.15
CA SER A 4 13.03 3.18 -16.14
C SER A 4 11.69 3.69 -15.60
N THR A 5 10.95 4.41 -16.44
CA THR A 5 9.67 4.96 -16.05
C THR A 5 8.66 3.86 -15.76
N GLU A 6 8.64 2.83 -16.61
CA GLU A 6 7.72 1.71 -16.44
C GLU A 6 7.97 1.01 -15.11
N VAL A 7 9.23 0.66 -14.85
CA VAL A 7 9.60 -0.01 -13.62
C VAL A 7 9.37 0.88 -12.41
N LEU A 8 9.75 2.15 -12.53
CA LEU A 8 9.58 3.11 -11.45
C LEU A 8 8.11 3.31 -11.12
N ALA A 9 7.28 3.44 -12.15
CA ALA A 9 5.85 3.63 -11.96
C ALA A 9 5.23 2.42 -11.26
N ALA A 10 5.61 1.24 -11.69
CA ALA A 10 5.10 0.00 -11.11
C ALA A 10 5.47 -0.11 -9.63
N VAL A 11 6.73 0.17 -9.33
CA VAL A 11 7.22 0.11 -7.95
C VAL A 11 6.48 1.09 -7.07
N ILE A 12 6.29 2.31 -7.57
CA ILE A 12 5.60 3.36 -6.82
C ILE A 12 4.16 2.95 -6.51
N ALA A 13 3.46 2.48 -7.54
CA ALA A 13 2.08 2.05 -7.38
C ALA A 13 1.96 0.91 -6.38
N GLY A 14 2.90 -0.03 -6.45
CA GLY A 14 2.89 -1.16 -5.54
C GLY A 14 3.13 -0.76 -4.10
N GLY A 15 4.00 0.23 -3.91
CA GLY A 15 4.31 0.69 -2.57
C GLY A 15 3.16 1.43 -1.93
N VAL A 16 2.51 2.31 -2.70
CA VAL A 16 1.39 3.09 -2.20
C VAL A 16 0.19 2.18 -1.92
N ILE A 17 -0.08 1.26 -2.83
CA ILE A 17 -1.20 0.33 -2.68
C ILE A 17 -0.99 -0.59 -1.48
N GLY A 18 0.22 -1.13 -1.36
CA GLY A 18 0.53 -2.02 -0.25
C GLY A 18 0.45 -1.32 1.09
N PHE A 19 0.98 -0.11 1.15
CA PHE A 19 0.98 0.66 2.39
C PHE A 19 -0.45 1.02 2.81
N LEU A 20 -1.27 1.41 1.84
CA LEU A 20 -2.66 1.77 2.10
C LEU A 20 -3.45 0.57 2.59
N PHE A 21 -3.17 -0.60 2.01
CA PHE A 21 -3.85 -1.83 2.39
C PHE A 21 -3.46 -2.26 3.80
N ALA A 22 -2.18 -2.16 4.11
CA ALA A 22 -1.67 -2.54 5.43
C ALA A 22 -2.27 -1.64 6.51
N ILE A 23 -2.31 -0.35 6.25
CA ILE A 23 -2.86 0.60 7.21
C ILE A 23 -4.35 0.39 7.41
N PHE A 24 -5.05 0.04 6.32
CA PHE A 24 -6.48 -0.19 6.38
C PHE A 24 -6.79 -1.45 7.19
N LEU A 25 -5.98 -2.48 7.00
CA LEU A 25 -6.16 -3.75 7.71
C LEU A 25 -5.92 -3.58 9.20
N ILE A 26 -4.86 -2.84 9.54
CA ILE A 26 -4.51 -2.60 10.94
C ILE A 26 -5.60 -1.77 11.64
N LEU A 27 -6.05 -0.71 10.97
CA LEU A 27 -7.09 0.15 11.52
C LEU A 27 -8.38 -0.61 11.73
N LEU A 28 -8.73 -1.46 10.77
CA LEU A 28 -9.95 -2.27 10.86
C LEU A 28 -9.87 -3.25 12.01
N LEU A 29 -8.70 -3.86 12.19
CA LEU A 29 -8.50 -4.83 13.26
C LEU A 29 -8.61 -4.16 14.62
N VAL A 30 -7.91 -3.04 14.79
CA VAL A 30 -7.93 -2.31 16.05
C VAL A 30 -9.32 -1.73 16.33
N TYR A 31 -10.02 -1.37 15.26
CA TYR A 31 -11.36 -0.81 15.39
C TYR A 31 -12.37 -1.88 15.80
N ARG A 32 -12.28 -3.04 15.16
CA ARG A 32 -13.17 -4.15 15.46
C ARG A 32 -13.00 -4.62 16.90
N MET A 33 -11.75 -4.69 17.35
CA MET A 33 -11.45 -5.12 18.70
C MET A 33 -12.00 -4.14 19.73
N ARG A 34 -12.22 -2.90 19.30
CA ARG A 34 -12.74 -1.86 20.18
C ARG A 34 -14.03 -2.33 20.86
N LYS A 35 -14.80 -3.16 20.16
CA LYS A 35 -16.05 -3.68 20.68
C LYS A 35 -15.83 -4.37 22.01
N MET A 1 17.34 7.25 -10.64
CA MET A 1 17.52 7.17 -12.08
C MET A 1 16.22 7.50 -12.81
N GLU A 2 16.32 8.30 -13.86
CA GLU A 2 15.14 8.68 -14.64
C GLU A 2 14.72 7.55 -15.57
N GLN A 3 15.70 6.81 -16.09
CA GLN A 3 15.41 5.70 -16.99
C GLN A 3 14.51 4.68 -16.33
N SER A 4 14.02 3.73 -17.12
CA SER A 4 13.13 2.69 -16.61
C SER A 4 11.90 3.30 -15.95
N THR A 5 11.33 4.32 -16.59
CA THR A 5 10.15 4.99 -16.07
C THR A 5 9.06 3.99 -15.73
N GLU A 6 8.87 3.01 -16.60
CA GLU A 6 7.85 1.99 -16.39
C GLU A 6 8.08 1.25 -15.08
N VAL A 7 9.32 0.84 -14.85
CA VAL A 7 9.68 0.13 -13.63
C VAL A 7 9.42 0.98 -12.39
N LEU A 8 9.82 2.24 -12.46
CA LEU A 8 9.64 3.17 -11.34
C LEU A 8 8.15 3.36 -11.04
N ALA A 9 7.35 3.52 -12.09
CA ALA A 9 5.91 3.70 -11.94
C ALA A 9 5.27 2.50 -11.27
N ALA A 10 5.67 1.31 -11.70
CA ALA A 10 5.14 0.07 -11.14
C ALA A 10 5.48 -0.06 -9.66
N VAL A 11 6.74 0.22 -9.32
CA VAL A 11 7.19 0.13 -7.94
C VAL A 11 6.44 1.11 -7.05
N ILE A 12 6.26 2.34 -7.55
CA ILE A 12 5.55 3.37 -6.80
C ILE A 12 4.11 2.97 -6.53
N ALA A 13 3.43 2.50 -7.57
CA ALA A 13 2.04 2.07 -7.45
C ALA A 13 1.90 0.92 -6.45
N GLY A 14 2.83 -0.03 -6.54
CA GLY A 14 2.79 -1.17 -5.64
C GLY A 14 3.00 -0.78 -4.19
N GLY A 15 3.89 0.18 -3.96
CA GLY A 15 4.16 0.64 -2.60
C GLY A 15 2.99 1.39 -2.00
N VAL A 16 2.35 2.24 -2.80
CA VAL A 16 1.22 3.02 -2.34
C VAL A 16 0.03 2.12 -2.01
N ILE A 17 -0.26 1.19 -2.91
CA ILE A 17 -1.37 0.26 -2.73
C ILE A 17 -1.14 -0.64 -1.51
N GLY A 18 0.07 -1.17 -1.41
CA GLY A 18 0.40 -2.03 -0.29
C GLY A 18 0.33 -1.32 1.04
N PHE A 19 0.85 -0.10 1.09
CA PHE A 19 0.84 0.69 2.32
C PHE A 19 -0.59 1.03 2.74
N LEU A 20 -1.42 1.40 1.77
CA LEU A 20 -2.80 1.74 2.04
C LEU A 20 -3.58 0.53 2.57
N PHE A 21 -3.29 -0.63 2.00
CA PHE A 21 -3.95 -1.86 2.40
C PHE A 21 -3.54 -2.27 3.81
N ALA A 22 -2.24 -2.15 4.11
CA ALA A 22 -1.72 -2.49 5.42
C ALA A 22 -2.32 -1.60 6.51
N ILE A 23 -2.39 -0.30 6.22
CA ILE A 23 -2.94 0.66 7.17
C ILE A 23 -4.43 0.42 7.39
N PHE A 24 -5.13 0.05 6.31
CA PHE A 24 -6.57 -0.19 6.39
C PHE A 24 -6.85 -1.45 7.22
N LEU A 25 -6.03 -2.47 7.03
CA LEU A 25 -6.19 -3.72 7.76
C LEU A 25 -5.91 -3.53 9.25
N ILE A 26 -4.86 -2.78 9.56
CA ILE A 26 -4.50 -2.52 10.94
C ILE A 26 -5.58 -1.71 11.65
N LEU A 27 -6.07 -0.67 10.98
CA LEU A 27 -7.10 0.18 11.56
C LEU A 27 -8.39 -0.62 11.80
N LEU A 28 -8.74 -1.47 10.84
CA LEU A 28 -9.94 -2.28 10.95
C LEU A 28 -9.84 -3.25 12.12
N LEU A 29 -8.66 -3.86 12.27
CA LEU A 29 -8.43 -4.81 13.36
C LEU A 29 -8.50 -4.12 14.71
N VAL A 30 -7.88 -2.95 14.81
CA VAL A 30 -7.87 -2.19 16.05
C VAL A 30 -9.29 -1.78 16.45
N TYR A 31 -10.06 -1.30 15.48
CA TYR A 31 -11.43 -0.87 15.73
C TYR A 31 -12.31 -2.06 16.07
N ARG A 32 -12.12 -3.17 15.36
CA ARG A 32 -12.90 -4.38 15.59
C ARG A 32 -12.70 -4.88 17.02
N MET A 33 -11.48 -4.81 17.51
CA MET A 33 -11.17 -5.26 18.87
C MET A 33 -11.88 -4.40 19.90
N ARG A 34 -12.24 -3.18 19.49
CA ARG A 34 -12.92 -2.26 20.40
C ARG A 34 -14.33 -2.74 20.70
N LYS A 35 -14.95 -3.42 19.73
CA LYS A 35 -16.30 -3.94 19.90
C LYS A 35 -16.33 -5.04 20.96
N MET A 1 15.23 3.80 -8.41
CA MET A 1 15.88 3.79 -9.71
C MET A 1 15.76 5.15 -10.40
N GLU A 2 16.55 5.34 -11.45
CA GLU A 2 16.53 6.60 -12.19
C GLU A 2 15.99 6.39 -13.60
N GLN A 3 16.28 5.23 -14.18
CA GLN A 3 15.81 4.91 -15.52
C GLN A 3 14.60 4.00 -15.48
N SER A 4 14.20 3.48 -16.63
CA SER A 4 13.04 2.59 -16.72
C SER A 4 11.83 3.23 -16.05
N THR A 5 11.26 4.23 -16.70
CA THR A 5 10.09 4.92 -16.17
C THR A 5 8.99 3.93 -15.80
N GLU A 6 8.79 2.93 -16.66
CA GLU A 6 7.76 1.93 -16.42
C GLU A 6 8.01 1.20 -15.10
N VAL A 7 9.26 0.79 -14.88
CA VAL A 7 9.62 0.10 -13.65
C VAL A 7 9.38 0.96 -12.42
N LEU A 8 9.79 2.23 -12.52
CA LEU A 8 9.63 3.17 -11.41
C LEU A 8 8.15 3.37 -11.09
N ALA A 9 7.33 3.52 -12.13
CA ALA A 9 5.90 3.72 -11.96
C ALA A 9 5.26 2.52 -11.26
N ALA A 10 5.65 1.32 -11.68
CA ALA A 10 5.12 0.09 -11.10
C ALA A 10 5.49 -0.02 -9.62
N VAL A 11 6.75 0.30 -9.30
CA VAL A 11 7.23 0.24 -7.93
C VAL A 11 6.47 1.22 -7.04
N ILE A 12 6.27 2.43 -7.53
CA ILE A 12 5.55 3.45 -6.78
C ILE A 12 4.11 3.04 -6.52
N ALA A 13 3.43 2.57 -7.56
CA ALA A 13 2.05 2.13 -7.44
C ALA A 13 1.93 0.98 -6.45
N GLY A 14 2.85 0.03 -6.53
CA GLY A 14 2.83 -1.11 -5.64
C GLY A 14 3.04 -0.72 -4.19
N GLY A 15 3.91 0.25 -3.96
CA GLY A 15 4.19 0.69 -2.60
C GLY A 15 3.02 1.43 -1.99
N VAL A 16 2.37 2.28 -2.78
CA VAL A 16 1.24 3.06 -2.31
C VAL A 16 0.05 2.15 -1.99
N ILE A 17 -0.23 1.22 -2.89
CA ILE A 17 -1.34 0.29 -2.71
C ILE A 17 -1.10 -0.61 -1.51
N GLY A 18 0.11 -1.14 -1.40
CA GLY A 18 0.45 -2.01 -0.29
C GLY A 18 0.38 -1.30 1.06
N PHE A 19 0.89 -0.07 1.10
CA PHE A 19 0.88 0.71 2.32
C PHE A 19 -0.55 1.03 2.75
N LEU A 20 -1.38 1.41 1.79
CA LEU A 20 -2.78 1.74 2.07
C LEU A 20 -3.53 0.53 2.59
N PHE A 21 -3.24 -0.64 2.02
CA PHE A 21 -3.90 -1.88 2.43
C PHE A 21 -3.48 -2.27 3.83
N ALA A 22 -2.19 -2.14 4.13
CA ALA A 22 -1.66 -2.48 5.44
C ALA A 22 -2.28 -1.61 6.53
N ILE A 23 -2.35 -0.31 6.25
CA ILE A 23 -2.91 0.64 7.21
C ILE A 23 -4.41 0.39 7.42
N PHE A 24 -5.09 0.03 6.34
CA PHE A 24 -6.52 -0.24 6.39
C PHE A 24 -6.81 -1.50 7.22
N LEU A 25 -5.97 -2.51 7.04
CA LEU A 25 -6.13 -3.77 7.76
C LEU A 25 -5.87 -3.57 9.25
N ILE A 26 -4.83 -2.82 9.58
CA ILE A 26 -4.48 -2.55 10.97
C ILE A 26 -5.58 -1.74 11.67
N LEU A 27 -6.06 -0.71 10.99
CA LEU A 27 -7.10 0.15 11.54
C LEU A 27 -8.38 -0.64 11.77
N LEU A 28 -8.73 -1.50 10.81
CA LEU A 28 -9.93 -2.31 10.90
C LEU A 28 -9.84 -3.27 12.08
N LEU A 29 -8.67 -3.89 12.25
CA LEU A 29 -8.45 -4.84 13.34
C LEU A 29 -8.54 -4.14 14.69
N VAL A 30 -7.92 -2.97 14.79
CA VAL A 30 -7.93 -2.20 16.03
C VAL A 30 -9.35 -1.79 16.41
N TYR A 31 -10.11 -1.31 15.42
CA TYR A 31 -11.48 -0.89 15.65
C TYR A 31 -12.35 -2.06 16.09
N ARG A 32 -12.30 -3.14 15.31
CA ARG A 32 -13.09 -4.33 15.62
C ARG A 32 -12.75 -4.86 17.02
N MET A 33 -11.47 -4.84 17.36
CA MET A 33 -11.01 -5.32 18.65
C MET A 33 -11.65 -4.52 19.78
N ARG A 34 -12.08 -3.31 19.46
CA ARG A 34 -12.71 -2.43 20.44
C ARG A 34 -14.10 -2.94 20.82
N LYS A 35 -14.77 -3.56 19.86
CA LYS A 35 -16.11 -4.09 20.08
C LYS A 35 -16.09 -5.15 21.17
N MET A 1 19.90 3.98 -9.37
CA MET A 1 18.79 3.25 -9.98
C MET A 1 17.68 4.21 -10.42
N GLU A 2 18.02 5.13 -11.33
CA GLU A 2 17.06 6.10 -11.82
C GLU A 2 16.82 5.91 -13.32
N GLN A 3 16.16 4.82 -13.68
CA GLN A 3 15.87 4.53 -15.08
C GLN A 3 14.60 3.69 -15.21
N SER A 4 14.24 3.37 -16.45
CA SER A 4 13.04 2.58 -16.71
C SER A 4 11.83 3.20 -16.04
N THR A 5 11.25 4.22 -16.70
CA THR A 5 10.08 4.91 -16.17
C THR A 5 8.98 3.92 -15.80
N GLU A 6 8.78 2.91 -16.66
CA GLU A 6 7.76 1.90 -16.41
C GLU A 6 8.01 1.18 -15.09
N VAL A 7 9.25 0.78 -14.87
CA VAL A 7 9.61 0.08 -13.64
C VAL A 7 9.38 0.96 -12.41
N LEU A 8 9.78 2.22 -12.51
CA LEU A 8 9.62 3.17 -11.41
C LEU A 8 8.13 3.36 -11.08
N ALA A 9 7.32 3.51 -12.13
CA ALA A 9 5.88 3.71 -11.95
C ALA A 9 5.26 2.51 -11.26
N ALA A 10 5.65 1.31 -11.67
CA ALA A 10 5.11 0.08 -11.09
C ALA A 10 5.49 -0.02 -9.61
N VAL A 11 6.73 0.31 -9.29
CA VAL A 11 7.21 0.24 -7.91
C VAL A 11 6.46 1.22 -7.02
N ILE A 12 6.25 2.43 -7.53
CA ILE A 12 5.54 3.46 -6.78
C ILE A 12 4.10 3.05 -6.52
N ALA A 13 3.42 2.57 -7.56
CA ALA A 13 2.04 2.14 -7.44
C ALA A 13 1.91 0.98 -6.45
N GLY A 14 2.84 0.04 -6.52
CA GLY A 14 2.81 -1.10 -5.63
C GLY A 14 3.02 -0.71 -4.18
N GLY A 15 3.90 0.25 -3.95
CA GLY A 15 4.18 0.71 -2.59
C GLY A 15 3.01 1.45 -1.98
N VAL A 16 2.36 2.30 -2.78
CA VAL A 16 1.22 3.07 -2.31
C VAL A 16 0.03 2.16 -1.99
N ILE A 17 -0.25 1.23 -2.89
CA ILE A 17 -1.35 0.30 -2.71
C ILE A 17 -1.12 -0.60 -1.50
N GLY A 18 0.10 -1.12 -1.39
CA GLY A 18 0.43 -1.99 -0.27
C GLY A 18 0.35 -1.28 1.06
N PHE A 19 0.87 -0.05 1.11
CA PHE A 19 0.86 0.73 2.33
C PHE A 19 -0.57 1.06 2.76
N LEU A 20 -1.40 1.43 1.80
CA LEU A 20 -2.80 1.76 2.07
C LEU A 20 -3.56 0.55 2.59
N PHE A 21 -3.25 -0.62 2.02
CA PHE A 21 -3.91 -1.86 2.44
C PHE A 21 -3.49 -2.25 3.84
N ALA A 22 -2.20 -2.11 4.14
CA ALA A 22 -1.67 -2.46 5.45
C ALA A 22 -2.29 -1.58 6.54
N ILE A 23 -2.37 -0.28 6.26
CA ILE A 23 -2.94 0.67 7.21
C ILE A 23 -4.43 0.42 7.42
N PHE A 24 -5.11 0.06 6.34
CA PHE A 24 -6.54 -0.21 6.40
C PHE A 24 -6.83 -1.47 7.22
N LEU A 25 -5.99 -2.48 7.03
CA LEU A 25 -6.15 -3.75 7.75
C LEU A 25 -5.89 -3.55 9.25
N ILE A 26 -4.84 -2.80 9.56
CA ILE A 26 -4.49 -2.53 10.95
C ILE A 26 -5.58 -1.73 11.66
N LEU A 27 -6.07 -0.69 11.00
CA LEU A 27 -7.11 0.14 11.56
C LEU A 27 -8.39 -0.66 11.79
N LEU A 28 -8.73 -1.51 10.83
CA LEU A 28 -9.93 -2.35 10.93
C LEU A 28 -9.81 -3.33 12.09
N LEU A 29 -8.62 -3.90 12.25
CA LEU A 29 -8.38 -4.86 13.33
C LEU A 29 -8.50 -4.19 14.69
N VAL A 30 -7.83 -3.05 14.85
CA VAL A 30 -7.86 -2.31 16.11
C VAL A 30 -9.26 -1.79 16.39
N TYR A 31 -9.99 -1.44 15.34
CA TYR A 31 -11.34 -0.91 15.48
C TYR A 31 -12.32 -2.02 15.84
N ARG A 32 -12.13 -3.19 15.25
CA ARG A 32 -13.00 -4.33 15.51
C ARG A 32 -12.93 -4.74 16.97
N MET A 33 -11.73 -4.66 17.55
CA MET A 33 -11.54 -5.03 18.95
C MET A 33 -12.29 -4.07 19.88
N ARG A 34 -12.58 -2.88 19.37
CA ARG A 34 -13.29 -1.87 20.14
C ARG A 34 -14.76 -2.26 20.30
N LYS A 35 -15.31 -2.92 19.30
CA LYS A 35 -16.71 -3.35 19.32
C LYS A 35 -16.96 -4.28 20.50
N MET A 1 20.22 10.33 -12.63
CA MET A 1 18.93 9.95 -13.19
C MET A 1 18.55 8.54 -12.77
N GLU A 2 17.27 8.19 -12.96
CA GLU A 2 16.78 6.86 -12.59
C GLU A 2 16.29 6.11 -13.83
N GLN A 3 15.72 6.85 -14.77
CA GLN A 3 15.21 6.25 -16.00
C GLN A 3 14.22 5.13 -15.69
N SER A 4 13.84 4.37 -16.72
CA SER A 4 12.90 3.28 -16.55
C SER A 4 11.62 3.75 -15.87
N THR A 5 10.96 4.74 -16.48
CA THR A 5 9.72 5.28 -15.93
C THR A 5 8.73 4.17 -15.61
N GLU A 6 8.62 3.20 -16.50
CA GLU A 6 7.70 2.08 -16.32
C GLU A 6 8.02 1.33 -15.03
N VAL A 7 9.30 1.03 -14.83
CA VAL A 7 9.74 0.32 -13.63
C VAL A 7 9.40 1.10 -12.37
N LEU A 8 9.68 2.40 -12.39
CA LEU A 8 9.41 3.27 -11.25
C LEU A 8 7.92 3.30 -10.93
N ALA A 9 7.10 3.39 -11.97
CA ALA A 9 5.66 3.42 -11.80
C ALA A 9 5.14 2.13 -11.17
N ALA A 10 5.71 1.01 -11.59
CA ALA A 10 5.32 -0.29 -11.07
C ALA A 10 5.64 -0.41 -9.58
N VAL A 11 6.88 -0.08 -9.23
CA VAL A 11 7.31 -0.14 -7.84
C VAL A 11 6.59 0.88 -6.98
N ILE A 12 6.42 2.08 -7.52
CA ILE A 12 5.72 3.15 -6.80
C ILE A 12 4.26 2.78 -6.55
N ALA A 13 3.59 2.32 -7.59
CA ALA A 13 2.18 1.95 -7.48
C ALA A 13 2.00 0.80 -6.49
N GLY A 14 2.91 -0.19 -6.56
CA GLY A 14 2.82 -1.32 -5.66
C GLY A 14 3.04 -0.94 -4.21
N GLY A 15 3.96 -0.01 -3.98
CA GLY A 15 4.23 0.44 -2.63
C GLY A 15 3.09 1.22 -2.02
N VAL A 16 2.48 2.08 -2.83
CA VAL A 16 1.37 2.90 -2.36
C VAL A 16 0.15 2.04 -2.03
N ILE A 17 -0.18 1.12 -2.95
CA ILE A 17 -1.31 0.23 -2.76
C ILE A 17 -1.10 -0.68 -1.55
N GLY A 18 0.10 -1.24 -1.45
CA GLY A 18 0.40 -2.13 -0.33
C GLY A 18 0.36 -1.43 1.00
N PHE A 19 0.91 -0.21 1.05
CA PHE A 19 0.94 0.57 2.28
C PHE A 19 -0.48 0.94 2.72
N LEU A 20 -1.30 1.34 1.75
CA LEU A 20 -2.68 1.73 2.03
C LEU A 20 -3.48 0.55 2.55
N PHE A 21 -3.23 -0.63 1.97
CA PHE A 21 -3.93 -1.84 2.38
C PHE A 21 -3.52 -2.26 3.80
N ALA A 22 -2.23 -2.17 4.08
CA ALA A 22 -1.71 -2.54 5.39
C ALA A 22 -2.28 -1.64 6.48
N ILE A 23 -2.32 -0.34 6.21
CA ILE A 23 -2.85 0.62 7.17
C ILE A 23 -4.35 0.43 7.38
N PHE A 24 -5.05 0.10 6.29
CA PHE A 24 -6.49 -0.13 6.36
C PHE A 24 -6.82 -1.38 7.18
N LEU A 25 -6.02 -2.42 7.00
CA LEU A 25 -6.22 -3.67 7.71
C LEU A 25 -5.95 -3.50 9.20
N ILE A 26 -4.88 -2.77 9.52
CA ILE A 26 -4.50 -2.53 10.90
C ILE A 26 -5.57 -1.70 11.62
N LEU A 27 -6.02 -0.64 10.96
CA LEU A 27 -7.04 0.23 11.53
C LEU A 27 -8.35 -0.52 11.76
N LEU A 28 -8.72 -1.36 10.80
CA LEU A 28 -9.95 -2.14 10.90
C LEU A 28 -9.87 -3.12 12.07
N LEU A 29 -8.72 -3.77 12.21
CA LEU A 29 -8.51 -4.73 13.30
C LEU A 29 -8.56 -4.05 14.66
N VAL A 30 -7.91 -2.89 14.76
CA VAL A 30 -7.89 -2.13 16.01
C VAL A 30 -9.30 -1.69 16.40
N TYR A 31 -10.04 -1.18 15.44
CA TYR A 31 -11.41 -0.72 15.68
C TYR A 31 -12.33 -1.89 15.98
N ARG A 32 -12.14 -2.98 15.25
CA ARG A 32 -12.96 -4.17 15.43
C ARG A 32 -12.78 -4.76 16.83
N MET A 33 -11.53 -4.78 17.29
CA MET A 33 -11.21 -5.31 18.61
C MET A 33 -11.83 -4.45 19.71
N ARG A 34 -12.11 -3.19 19.37
CA ARG A 34 -12.70 -2.26 20.33
C ARG A 34 -13.96 -2.86 20.96
N LYS A 35 -14.67 -3.67 20.19
CA LYS A 35 -15.89 -4.31 20.67
C LYS A 35 -15.66 -5.03 21.98
N MET A 1 11.19 -4.28 -23.70
CA MET A 1 11.22 -4.00 -22.27
C MET A 1 12.46 -3.15 -21.93
N GLU A 2 12.61 -2.03 -22.63
CA GLU A 2 13.74 -1.13 -22.39
C GLU A 2 13.26 0.23 -21.91
N GLN A 3 12.61 0.25 -20.76
CA GLN A 3 12.11 1.49 -20.18
C GLN A 3 12.25 1.49 -18.67
N SER A 4 12.83 2.56 -18.13
CA SER A 4 13.03 2.69 -16.69
C SER A 4 11.80 3.29 -16.02
N THR A 5 11.21 4.30 -16.68
CA THR A 5 10.04 4.97 -16.15
C THR A 5 8.95 3.96 -15.77
N GLU A 6 8.76 2.95 -16.62
CA GLU A 6 7.76 1.93 -16.37
C GLU A 6 8.02 1.22 -15.05
N VAL A 7 9.27 0.84 -14.82
CA VAL A 7 9.65 0.15 -13.60
C VAL A 7 9.40 1.02 -12.38
N LEU A 8 9.79 2.30 -12.48
CA LEU A 8 9.61 3.23 -11.38
C LEU A 8 8.13 3.42 -11.05
N ALA A 9 7.31 3.56 -12.09
CA ALA A 9 5.87 3.73 -11.92
C ALA A 9 5.26 2.52 -11.21
N ALA A 10 5.67 1.32 -11.62
CA ALA A 10 5.16 0.10 -11.03
C ALA A 10 5.53 0.01 -9.55
N VAL A 11 6.78 0.34 -9.24
CA VAL A 11 7.27 0.30 -7.87
C VAL A 11 6.50 1.28 -6.98
N ILE A 12 6.27 2.48 -7.48
CA ILE A 12 5.54 3.50 -6.74
C ILE A 12 4.12 3.07 -6.46
N ALA A 13 3.45 2.58 -7.50
CA ALA A 13 2.06 2.12 -7.38
C ALA A 13 1.95 0.98 -6.38
N GLY A 14 2.89 0.04 -6.45
CA GLY A 14 2.89 -1.10 -5.56
C GLY A 14 3.09 -0.70 -4.11
N GLY A 15 3.96 0.29 -3.88
CA GLY A 15 4.23 0.74 -2.54
C GLY A 15 3.06 1.47 -1.92
N VAL A 16 2.40 2.31 -2.72
CA VAL A 16 1.25 3.06 -2.25
C VAL A 16 0.08 2.14 -1.93
N ILE A 17 -0.20 1.20 -2.83
CA ILE A 17 -1.30 0.26 -2.63
C ILE A 17 -1.03 -0.63 -1.42
N GLY A 18 0.19 -1.14 -1.31
CA GLY A 18 0.54 -2.00 -0.20
C GLY A 18 0.47 -1.28 1.14
N PHE A 19 0.95 -0.05 1.18
CA PHE A 19 0.94 0.74 2.40
C PHE A 19 -0.50 1.05 2.83
N LEU A 20 -1.33 1.40 1.86
CA LEU A 20 -2.73 1.72 2.14
C LEU A 20 -3.47 0.49 2.66
N PHE A 21 -3.15 -0.66 2.10
CA PHE A 21 -3.79 -1.92 2.52
C PHE A 21 -3.36 -2.30 3.93
N ALA A 22 -2.07 -2.14 4.22
CA ALA A 22 -1.54 -2.47 5.53
C ALA A 22 -2.17 -1.60 6.62
N ILE A 23 -2.24 -0.30 6.36
CA ILE A 23 -2.81 0.63 7.32
C ILE A 23 -4.32 0.40 7.47
N PHE A 24 -4.97 0.01 6.39
CA PHE A 24 -6.40 -0.25 6.40
C PHE A 24 -6.72 -1.53 7.19
N LEU A 25 -5.86 -2.52 7.03
CA LEU A 25 -6.05 -3.80 7.72
C LEU A 25 -5.86 -3.63 9.22
N ILE A 26 -4.80 -2.94 9.61
CA ILE A 26 -4.51 -2.70 11.02
C ILE A 26 -5.58 -1.85 11.67
N LEU A 27 -6.01 -0.80 10.97
CA LEU A 27 -7.05 0.09 11.48
C LEU A 27 -8.36 -0.65 11.68
N LEU A 28 -8.71 -1.50 10.72
CA LEU A 28 -9.94 -2.27 10.78
C LEU A 28 -9.91 -3.24 11.97
N LEU A 29 -8.77 -3.90 12.15
CA LEU A 29 -8.60 -4.85 13.24
C LEU A 29 -8.71 -4.15 14.60
N VAL A 30 -8.05 -3.01 14.72
CA VAL A 30 -8.07 -2.24 15.96
C VAL A 30 -9.48 -1.78 16.29
N TYR A 31 -10.19 -1.27 15.29
CA TYR A 31 -11.56 -0.79 15.48
C TYR A 31 -12.50 -1.95 15.79
N ARG A 32 -12.26 -3.09 15.16
CA ARG A 32 -13.09 -4.28 15.36
C ARG A 32 -13.02 -4.74 16.81
N MET A 33 -11.82 -4.70 17.39
CA MET A 33 -11.62 -5.11 18.76
C MET A 33 -12.41 -4.22 19.73
N ARG A 34 -12.72 -3.01 19.27
CA ARG A 34 -13.47 -2.06 20.09
C ARG A 34 -14.79 -2.66 20.55
N LYS A 35 -15.37 -3.52 19.71
CA LYS A 35 -16.63 -4.16 20.02
C LYS A 35 -16.56 -4.87 21.37
N MET A 1 7.30 0.53 -25.28
CA MET A 1 8.31 1.28 -24.55
C MET A 1 8.16 1.05 -23.05
N GLU A 2 9.29 0.93 -22.36
CA GLU A 2 9.29 0.70 -20.92
C GLU A 2 10.22 1.68 -20.22
N GLN A 3 11.53 1.44 -20.33
CA GLN A 3 12.52 2.29 -19.70
C GLN A 3 12.43 2.22 -18.18
N SER A 4 13.14 3.11 -17.50
CA SER A 4 13.14 3.15 -16.06
C SER A 4 11.80 3.66 -15.52
N THR A 5 11.10 4.42 -16.35
CA THR A 5 9.81 4.99 -15.97
C THR A 5 8.79 3.88 -15.71
N GLU A 6 8.79 2.87 -16.56
CA GLU A 6 7.86 1.74 -16.41
C GLU A 6 8.09 1.03 -15.08
N VAL A 7 9.34 0.67 -14.80
CA VAL A 7 9.68 -0.02 -13.56
C VAL A 7 9.46 0.88 -12.35
N LEU A 8 9.85 2.14 -12.48
CA LEU A 8 9.70 3.11 -11.40
C LEU A 8 8.22 3.32 -11.07
N ALA A 9 7.41 3.48 -12.10
CA ALA A 9 5.98 3.69 -11.93
C ALA A 9 5.32 2.49 -11.25
N ALA A 10 5.70 1.30 -11.68
CA ALA A 10 5.16 0.06 -11.10
C ALA A 10 5.52 -0.05 -9.62
N VAL A 11 6.77 0.26 -9.31
CA VAL A 11 7.24 0.18 -7.92
C VAL A 11 6.50 1.17 -7.03
N ILE A 12 6.32 2.38 -7.52
CA ILE A 12 5.62 3.42 -6.77
C ILE A 12 4.17 3.02 -6.51
N ALA A 13 3.49 2.56 -7.55
CA ALA A 13 2.10 2.15 -7.45
C ALA A 13 1.95 0.99 -6.46
N GLY A 14 2.87 0.03 -6.54
CA GLY A 14 2.81 -1.12 -5.66
C GLY A 14 3.03 -0.74 -4.20
N GLY A 15 3.92 0.21 -3.96
CA GLY A 15 4.20 0.66 -2.61
C GLY A 15 3.04 1.40 -2.00
N VAL A 16 2.41 2.27 -2.79
CA VAL A 16 1.28 3.06 -2.32
C VAL A 16 0.08 2.16 -2.01
N ILE A 17 -0.22 1.25 -2.92
CA ILE A 17 -1.33 0.33 -2.74
C ILE A 17 -1.11 -0.58 -1.54
N GLY A 18 0.10 -1.12 -1.42
CA GLY A 18 0.41 -2.01 -0.32
C GLY A 18 0.35 -1.30 1.03
N PHE A 19 0.88 -0.09 1.07
CA PHE A 19 0.88 0.69 2.30
C PHE A 19 -0.55 1.03 2.73
N LEU A 20 -1.37 1.41 1.77
CA LEU A 20 -2.76 1.77 2.04
C LEU A 20 -3.54 0.57 2.55
N PHE A 21 -3.26 -0.60 1.98
CA PHE A 21 -3.94 -1.83 2.37
C PHE A 21 -3.53 -2.24 3.79
N ALA A 22 -2.23 -2.13 4.07
CA ALA A 22 -1.71 -2.50 5.39
C ALA A 22 -2.30 -1.61 6.47
N ILE A 23 -2.37 -0.31 6.21
CA ILE A 23 -2.91 0.65 7.17
C ILE A 23 -4.40 0.42 7.37
N PHE A 24 -5.10 0.07 6.30
CA PHE A 24 -6.55 -0.17 6.37
C PHE A 24 -6.83 -1.42 7.19
N LEU A 25 -6.02 -2.45 7.00
CA LEU A 25 -6.20 -3.71 7.71
C LEU A 25 -5.93 -3.54 9.20
N ILE A 26 -4.86 -2.80 9.52
CA ILE A 26 -4.49 -2.55 10.90
C ILE A 26 -5.57 -1.74 11.62
N LEU A 27 -6.05 -0.69 10.97
CA LEU A 27 -7.08 0.16 11.54
C LEU A 27 -8.37 -0.61 11.78
N LEU A 28 -8.72 -1.45 10.81
CA LEU A 28 -9.94 -2.27 10.91
C LEU A 28 -9.84 -3.24 12.08
N LEU A 29 -8.67 -3.87 12.21
CA LEU A 29 -8.45 -4.83 13.30
C LEU A 29 -8.52 -4.15 14.66
N VAL A 30 -7.89 -2.99 14.76
CA VAL A 30 -7.87 -2.24 16.01
C VAL A 30 -9.28 -1.82 16.41
N TYR A 31 -10.05 -1.32 15.44
CA TYR A 31 -11.42 -0.89 15.70
C TYR A 31 -12.30 -2.07 16.08
N ARG A 32 -12.19 -3.15 15.32
CA ARG A 32 -12.99 -4.35 15.58
C ARG A 32 -12.66 -4.93 16.95
N MET A 33 -11.38 -4.91 17.30
CA MET A 33 -10.92 -5.43 18.59
C MET A 33 -11.48 -4.59 19.75
N ARG A 34 -11.83 -3.36 19.45
CA ARG A 34 -12.37 -2.45 20.46
C ARG A 34 -13.64 -3.03 21.09
N LYS A 35 -14.39 -3.79 20.30
CA LYS A 35 -15.63 -4.40 20.77
C LYS A 35 -15.37 -5.20 22.04
N MET A 1 10.07 -4.93 -19.92
CA MET A 1 10.47 -4.02 -18.86
C MET A 1 11.89 -3.51 -19.07
N GLU A 2 12.15 -2.97 -20.26
CA GLU A 2 13.49 -2.46 -20.59
C GLU A 2 13.53 -0.95 -20.46
N GLN A 3 12.88 -0.43 -19.43
CA GLN A 3 12.84 1.02 -19.19
C GLN A 3 12.96 1.34 -17.70
N SER A 4 13.19 2.60 -17.40
CA SER A 4 13.33 3.04 -16.00
C SER A 4 12.02 3.59 -15.47
N THR A 5 11.32 4.34 -16.32
CA THR A 5 10.04 4.93 -15.93
C THR A 5 8.99 3.86 -15.67
N GLU A 6 8.98 2.85 -16.52
CA GLU A 6 8.02 1.75 -16.38
C GLU A 6 8.18 1.05 -15.03
N VAL A 7 9.43 0.67 -14.73
CA VAL A 7 9.73 -0.02 -13.48
C VAL A 7 9.47 0.89 -12.28
N LEU A 8 9.86 2.16 -12.41
CA LEU A 8 9.67 3.13 -11.34
C LEU A 8 8.18 3.33 -11.05
N ALA A 9 7.39 3.47 -12.10
CA ALA A 9 5.96 3.67 -11.97
C ALA A 9 5.30 2.47 -11.29
N ALA A 10 5.70 1.28 -11.70
CA ALA A 10 5.15 0.05 -11.13
C ALA A 10 5.47 -0.05 -9.64
N VAL A 11 6.72 0.21 -9.29
CA VAL A 11 7.16 0.15 -7.90
C VAL A 11 6.40 1.15 -7.04
N ILE A 12 6.25 2.37 -7.56
CA ILE A 12 5.54 3.42 -6.84
C ILE A 12 4.09 3.03 -6.58
N ALA A 13 3.41 2.55 -7.61
CA ALA A 13 2.02 2.13 -7.51
C ALA A 13 1.87 1.01 -6.50
N GLY A 14 2.78 0.04 -6.55
CA GLY A 14 2.73 -1.09 -5.64
C GLY A 14 2.94 -0.68 -4.19
N GLY A 15 3.82 0.30 -3.98
CA GLY A 15 4.09 0.76 -2.64
C GLY A 15 2.92 1.53 -2.04
N VAL A 16 2.28 2.37 -2.85
CA VAL A 16 1.15 3.16 -2.40
C VAL A 16 -0.04 2.27 -2.06
N ILE A 17 -0.36 1.35 -2.96
CA ILE A 17 -1.48 0.43 -2.75
C ILE A 17 -1.23 -0.48 -1.57
N GLY A 18 0.00 -1.00 -1.48
CA GLY A 18 0.35 -1.90 -0.39
C GLY A 18 0.29 -1.21 0.96
N PHE A 19 0.81 0.02 1.02
CA PHE A 19 0.83 0.79 2.26
C PHE A 19 -0.60 1.11 2.71
N LEU A 20 -1.45 1.50 1.76
CA LEU A 20 -2.83 1.85 2.05
C LEU A 20 -3.59 0.62 2.55
N PHE A 21 -3.32 -0.53 1.96
CA PHE A 21 -3.98 -1.77 2.35
C PHE A 21 -3.55 -2.20 3.75
N ALA A 22 -2.25 -2.08 4.02
CA ALA A 22 -1.72 -2.47 5.32
C ALA A 22 -2.31 -1.60 6.43
N ILE A 23 -2.37 -0.29 6.19
CA ILE A 23 -2.91 0.64 7.16
C ILE A 23 -4.40 0.41 7.39
N PHE A 24 -5.11 0.07 6.31
CA PHE A 24 -6.54 -0.19 6.39
C PHE A 24 -6.82 -1.45 7.20
N LEU A 25 -5.99 -2.47 7.00
CA LEU A 25 -6.16 -3.74 7.70
C LEU A 25 -5.88 -3.57 9.19
N ILE A 26 -4.82 -2.84 9.52
CA ILE A 26 -4.45 -2.59 10.90
C ILE A 26 -5.52 -1.78 11.62
N LEU A 27 -6.00 -0.73 10.97
CA LEU A 27 -7.04 0.12 11.55
C LEU A 27 -8.32 -0.67 11.79
N LEU A 28 -8.69 -1.50 10.82
CA LEU A 28 -9.90 -2.31 10.93
C LEU A 28 -9.79 -3.30 12.09
N LEU A 29 -8.62 -3.92 12.23
CA LEU A 29 -8.39 -4.88 13.29
C LEU A 29 -8.46 -4.21 14.66
N VAL A 30 -7.82 -3.05 14.77
CA VAL A 30 -7.81 -2.29 16.02
C VAL A 30 -9.22 -1.89 16.43
N TYR A 31 -9.98 -1.38 15.47
CA TYR A 31 -11.35 -0.95 15.73
C TYR A 31 -12.22 -2.12 16.16
N ARG A 32 -12.17 -3.20 15.40
CA ARG A 32 -12.95 -4.39 15.70
C ARG A 32 -12.56 -4.97 17.05
N MET A 33 -11.25 -4.94 17.35
CA MET A 33 -10.75 -5.45 18.62
C MET A 33 -11.28 -4.64 19.79
N ARG A 34 -11.68 -3.40 19.52
CA ARG A 34 -12.20 -2.51 20.56
C ARG A 34 -13.53 -3.05 21.09
N LYS A 35 -14.30 -3.70 20.23
CA LYS A 35 -15.59 -4.25 20.61
C LYS A 35 -15.42 -5.34 21.66
N MET A 1 7.57 -4.39 -23.57
CA MET A 1 7.88 -3.00 -23.26
C MET A 1 9.22 -2.89 -22.54
N GLU A 2 10.03 -1.92 -22.96
CA GLU A 2 11.34 -1.71 -22.35
C GLU A 2 11.55 -0.23 -22.00
N GLN A 3 10.95 0.20 -20.89
CA GLN A 3 11.07 1.59 -20.45
C GLN A 3 11.30 1.66 -18.95
N SER A 4 12.18 2.57 -18.53
CA SER A 4 12.49 2.74 -17.12
C SER A 4 11.30 3.32 -16.37
N THR A 5 10.63 4.28 -16.99
CA THR A 5 9.47 4.92 -16.38
C THR A 5 8.46 3.89 -15.90
N GLU A 6 8.24 2.86 -16.70
CA GLU A 6 7.30 1.81 -16.35
C GLU A 6 7.69 1.14 -15.04
N VAL A 7 8.97 0.81 -14.91
CA VAL A 7 9.48 0.16 -13.70
C VAL A 7 9.30 1.06 -12.48
N LEU A 8 9.62 2.34 -12.64
CA LEU A 8 9.49 3.31 -11.56
C LEU A 8 8.03 3.44 -11.11
N ALA A 9 7.13 3.52 -12.08
CA ALA A 9 5.71 3.63 -11.78
C ALA A 9 5.20 2.41 -11.04
N ALA A 10 5.67 1.23 -11.43
CA ALA A 10 5.27 -0.01 -10.79
C ALA A 10 5.76 -0.07 -9.35
N VAL A 11 6.98 0.41 -9.12
CA VAL A 11 7.55 0.40 -7.78
C VAL A 11 6.79 1.34 -6.85
N ILE A 12 6.55 2.56 -7.31
CA ILE A 12 5.83 3.55 -6.53
C ILE A 12 4.39 3.12 -6.27
N ALA A 13 3.75 2.61 -7.31
CA ALA A 13 2.37 2.15 -7.21
C ALA A 13 2.24 1.00 -6.22
N GLY A 14 3.20 0.07 -6.28
CA GLY A 14 3.18 -1.07 -5.38
C GLY A 14 3.40 -0.66 -3.93
N GLY A 15 4.26 0.32 -3.72
CA GLY A 15 4.55 0.78 -2.37
C GLY A 15 3.37 1.49 -1.73
N VAL A 16 2.72 2.37 -2.50
CA VAL A 16 1.58 3.11 -2.00
C VAL A 16 0.39 2.19 -1.75
N ILE A 17 0.15 1.26 -2.66
CA ILE A 17 -0.94 0.31 -2.54
C ILE A 17 -0.74 -0.60 -1.33
N GLY A 18 0.48 -1.12 -1.20
CA GLY A 18 0.78 -2.01 -0.08
C GLY A 18 0.67 -1.32 1.26
N PHE A 19 1.18 -0.10 1.34
CA PHE A 19 1.14 0.68 2.58
C PHE A 19 -0.30 1.00 2.96
N LEU A 20 -1.10 1.39 1.98
CA LEU A 20 -2.50 1.73 2.22
C LEU A 20 -3.28 0.50 2.69
N PHE A 21 -2.96 -0.65 2.12
CA PHE A 21 -3.63 -1.90 2.49
C PHE A 21 -3.26 -2.31 3.90
N ALA A 22 -1.98 -2.18 4.25
CA ALA A 22 -1.49 -2.55 5.56
C ALA A 22 -2.14 -1.69 6.65
N ILE A 23 -2.16 -0.39 6.41
CA ILE A 23 -2.76 0.55 7.37
C ILE A 23 -4.27 0.34 7.47
N PHE A 24 -4.89 0.00 6.35
CA PHE A 24 -6.33 -0.23 6.32
C PHE A 24 -6.70 -1.48 7.11
N LEU A 25 -5.89 -2.53 6.97
CA LEU A 25 -6.13 -3.78 7.66
C LEU A 25 -5.95 -3.62 9.16
N ILE A 26 -4.89 -2.91 9.56
CA ILE A 26 -4.60 -2.68 10.96
C ILE A 26 -5.70 -1.84 11.61
N LEU A 27 -6.10 -0.77 10.93
CA LEU A 27 -7.14 0.12 11.44
C LEU A 27 -8.47 -0.63 11.59
N LEU A 28 -8.79 -1.45 10.60
CA LEU A 28 -10.03 -2.22 10.63
C LEU A 28 -10.04 -3.21 11.79
N LEU A 29 -8.90 -3.87 12.00
CA LEU A 29 -8.78 -4.84 13.08
C LEU A 29 -8.91 -4.16 14.44
N VAL A 30 -8.25 -3.02 14.59
CA VAL A 30 -8.29 -2.27 15.85
C VAL A 30 -9.71 -1.82 16.16
N TYR A 31 -10.40 -1.28 15.15
CA TYR A 31 -11.76 -0.81 15.31
C TYR A 31 -12.70 -1.95 15.68
N ARG A 32 -12.58 -3.06 14.96
CA ARG A 32 -13.41 -4.23 15.20
C ARG A 32 -13.21 -4.75 16.62
N MET A 33 -11.95 -4.78 17.05
CA MET A 33 -11.62 -5.26 18.39
C MET A 33 -12.26 -4.38 19.46
N ARG A 34 -12.58 -3.15 19.10
CA ARG A 34 -13.20 -2.21 20.03
C ARG A 34 -14.61 -2.67 20.39
N LYS A 35 -15.29 -3.32 19.45
CA LYS A 35 -16.65 -3.81 19.68
C LYS A 35 -16.69 -4.77 20.86
N MET A 1 22.27 4.41 -21.98
CA MET A 1 20.88 4.87 -21.94
C MET A 1 20.34 4.84 -20.52
N GLU A 2 19.40 5.74 -20.24
CA GLU A 2 18.80 5.82 -18.91
C GLU A 2 17.27 5.92 -19.00
N GLN A 3 16.60 4.80 -18.76
CA GLN A 3 15.15 4.75 -18.82
C GLN A 3 14.60 3.66 -17.91
N SER A 4 13.76 4.06 -16.95
CA SER A 4 13.17 3.13 -16.00
C SER A 4 11.83 3.65 -15.49
N THR A 5 11.11 4.36 -16.35
CA THR A 5 9.81 4.92 -15.98
C THR A 5 8.80 3.82 -15.71
N GLU A 6 8.80 2.80 -16.56
CA GLU A 6 7.88 1.68 -16.40
C GLU A 6 8.09 0.98 -15.06
N VAL A 7 9.33 0.63 -14.78
CA VAL A 7 9.67 -0.04 -13.52
C VAL A 7 9.42 0.87 -12.32
N LEU A 8 9.79 2.14 -12.46
CA LEU A 8 9.62 3.10 -11.39
C LEU A 8 8.13 3.31 -11.08
N ALA A 9 7.32 3.43 -12.13
CA ALA A 9 5.89 3.62 -11.99
C ALA A 9 5.25 2.42 -11.29
N ALA A 10 5.65 1.22 -11.71
CA ALA A 10 5.11 0.00 -11.12
C ALA A 10 5.45 -0.10 -9.65
N VAL A 11 6.70 0.19 -9.31
CA VAL A 11 7.16 0.13 -7.93
C VAL A 11 6.40 1.13 -7.06
N ILE A 12 6.23 2.34 -7.58
CA ILE A 12 5.52 3.39 -6.85
C ILE A 12 4.07 2.98 -6.58
N ALA A 13 3.39 2.50 -7.61
CA ALA A 13 2.01 2.07 -7.48
C ALA A 13 1.87 0.94 -6.47
N GLY A 14 2.79 -0.02 -6.53
CA GLY A 14 2.75 -1.14 -5.62
C GLY A 14 2.97 -0.72 -4.17
N GLY A 15 3.85 0.26 -3.97
CA GLY A 15 4.13 0.74 -2.63
C GLY A 15 2.96 1.50 -2.02
N VAL A 16 2.31 2.32 -2.83
CA VAL A 16 1.17 3.11 -2.37
C VAL A 16 -0.01 2.21 -2.02
N ILE A 17 -0.34 1.29 -2.92
CA ILE A 17 -1.44 0.37 -2.70
C ILE A 17 -1.17 -0.55 -1.51
N GLY A 18 0.05 -1.06 -1.44
CA GLY A 18 0.43 -1.95 -0.35
C GLY A 18 0.37 -1.26 1.00
N PHE A 19 0.88 -0.03 1.06
CA PHE A 19 0.90 0.74 2.30
C PHE A 19 -0.53 1.05 2.75
N LEU A 20 -1.38 1.44 1.81
CA LEU A 20 -2.77 1.78 2.11
C LEU A 20 -3.52 0.55 2.61
N PHE A 21 -3.22 -0.60 2.04
CA PHE A 21 -3.87 -1.84 2.42
C PHE A 21 -3.43 -2.28 3.83
N ALA A 22 -2.14 -2.14 4.10
CA ALA A 22 -1.58 -2.51 5.40
C ALA A 22 -2.19 -1.65 6.51
N ILE A 23 -2.24 -0.34 6.29
CA ILE A 23 -2.79 0.58 7.27
C ILE A 23 -4.29 0.36 7.44
N PHE A 24 -4.96 0.02 6.35
CA PHE A 24 -6.41 -0.22 6.39
C PHE A 24 -6.73 -1.48 7.18
N LEU A 25 -5.92 -2.51 7.01
CA LEU A 25 -6.12 -3.77 7.71
C LEU A 25 -5.86 -3.61 9.20
N ILE A 26 -4.80 -2.90 9.54
CA ILE A 26 -4.45 -2.67 10.94
C ILE A 26 -5.51 -1.83 11.64
N LEU A 27 -5.95 -0.76 10.98
CA LEU A 27 -6.97 0.11 11.54
C LEU A 27 -8.28 -0.64 11.76
N LEU A 28 -8.64 -1.48 10.78
CA LEU A 28 -9.87 -2.25 10.87
C LEU A 28 -9.81 -3.26 12.02
N LEU A 29 -8.65 -3.88 12.19
CA LEU A 29 -8.46 -4.86 13.25
C LEU A 29 -8.56 -4.20 14.62
N VAL A 30 -7.84 -3.10 14.80
CA VAL A 30 -7.86 -2.37 16.06
C VAL A 30 -9.24 -1.78 16.34
N TYR A 31 -9.94 -1.40 15.28
CA TYR A 31 -11.28 -0.83 15.41
C TYR A 31 -12.27 -1.86 15.92
N ARG A 32 -12.38 -2.97 15.20
CA ARG A 32 -13.30 -4.05 15.58
C ARG A 32 -13.02 -4.51 17.00
N MET A 33 -11.74 -4.62 17.35
CA MET A 33 -11.34 -5.06 18.68
C MET A 33 -11.83 -4.08 19.75
N ARG A 34 -12.08 -2.84 19.33
CA ARG A 34 -12.54 -1.81 20.25
C ARG A 34 -14.00 -2.05 20.64
N LYS A 35 -14.77 -2.62 19.72
CA LYS A 35 -16.18 -2.91 19.97
C LYS A 35 -16.35 -3.79 21.19
N MET A 1 6.62 1.52 -23.78
CA MET A 1 7.00 0.21 -24.30
C MET A 1 8.39 -0.20 -23.79
N GLU A 2 8.42 -0.85 -22.64
CA GLU A 2 9.66 -1.30 -22.04
C GLU A 2 10.60 -0.12 -21.78
N GLN A 3 10.39 0.57 -20.66
CA GLN A 3 11.21 1.72 -20.31
C GLN A 3 11.39 1.82 -18.81
N SER A 4 12.43 2.52 -18.38
CA SER A 4 12.71 2.70 -16.95
C SER A 4 11.51 3.29 -16.23
N THR A 5 10.86 4.26 -16.87
CA THR A 5 9.70 4.92 -16.28
C THR A 5 8.67 3.89 -15.83
N GLU A 6 8.45 2.87 -16.65
CA GLU A 6 7.48 1.83 -16.32
C GLU A 6 7.83 1.15 -15.01
N VAL A 7 9.11 0.80 -14.85
CA VAL A 7 9.58 0.14 -13.63
C VAL A 7 9.37 1.04 -12.42
N LEU A 8 9.72 2.30 -12.55
CA LEU A 8 9.57 3.27 -11.47
C LEU A 8 8.12 3.41 -11.06
N ALA A 9 7.23 3.51 -12.05
CA ALA A 9 5.80 3.65 -11.79
C ALA A 9 5.26 2.43 -11.07
N ALA A 10 5.74 1.25 -11.46
CA ALA A 10 5.29 0.00 -10.84
C ALA A 10 5.74 -0.08 -9.39
N VAL A 11 6.96 0.38 -9.11
CA VAL A 11 7.50 0.37 -7.76
C VAL A 11 6.73 1.32 -6.85
N ILE A 12 6.52 2.54 -7.31
CA ILE A 12 5.80 3.53 -6.53
C ILE A 12 4.35 3.11 -6.32
N ALA A 13 3.72 2.61 -7.38
CA ALA A 13 2.34 2.17 -7.31
C ALA A 13 2.18 1.03 -6.32
N GLY A 14 3.10 0.07 -6.38
CA GLY A 14 3.04 -1.07 -5.48
C GLY A 14 3.23 -0.68 -4.04
N GLY A 15 4.11 0.27 -3.79
CA GLY A 15 4.37 0.72 -2.43
C GLY A 15 3.19 1.46 -1.84
N VAL A 16 2.56 2.32 -2.64
CA VAL A 16 1.42 3.10 -2.19
C VAL A 16 0.23 2.20 -1.89
N ILE A 17 -0.06 1.29 -2.80
CA ILE A 17 -1.18 0.36 -2.63
C ILE A 17 -0.95 -0.56 -1.43
N GLY A 18 0.26 -1.09 -1.31
CA GLY A 18 0.58 -1.97 -0.22
C GLY A 18 0.50 -1.27 1.13
N PHE A 19 1.02 -0.06 1.20
CA PHE A 19 1.00 0.72 2.43
C PHE A 19 -0.43 1.05 2.84
N LEU A 20 -1.25 1.43 1.88
CA LEU A 20 -2.64 1.78 2.15
C LEU A 20 -3.41 0.57 2.64
N PHE A 21 -3.12 -0.60 2.06
CA PHE A 21 -3.80 -1.83 2.45
C PHE A 21 -3.40 -2.25 3.86
N ALA A 22 -2.11 -2.13 4.18
CA ALA A 22 -1.60 -2.49 5.50
C ALA A 22 -2.22 -1.61 6.58
N ILE A 23 -2.28 -0.30 6.31
CA ILE A 23 -2.84 0.63 7.28
C ILE A 23 -4.34 0.41 7.44
N PHE A 24 -5.01 0.04 6.36
CA PHE A 24 -6.44 -0.21 6.39
C PHE A 24 -6.75 -1.49 7.16
N LEU A 25 -5.90 -2.50 7.00
CA LEU A 25 -6.08 -3.77 7.69
C LEU A 25 -5.89 -3.62 9.20
N ILE A 26 -4.83 -2.91 9.58
CA ILE A 26 -4.54 -2.68 10.99
C ILE A 26 -5.62 -1.84 11.65
N LEU A 27 -6.05 -0.80 10.96
CA LEU A 27 -7.10 0.09 11.47
C LEU A 27 -8.41 -0.66 11.67
N LEU A 28 -8.75 -1.49 10.69
CA LEU A 28 -9.98 -2.27 10.75
C LEU A 28 -9.95 -3.25 11.91
N LEU A 29 -8.81 -3.91 12.10
CA LEU A 29 -8.64 -4.87 13.18
C LEU A 29 -8.75 -4.19 14.54
N VAL A 30 -8.10 -3.03 14.68
CA VAL A 30 -8.13 -2.28 15.93
C VAL A 30 -9.55 -1.84 16.27
N TYR A 31 -10.26 -1.32 15.27
CA TYR A 31 -11.63 -0.86 15.46
C TYR A 31 -12.55 -2.02 15.77
N ARG A 32 -12.37 -3.13 15.07
CA ARG A 32 -13.20 -4.32 15.27
C ARG A 32 -13.09 -4.81 16.71
N MET A 33 -11.87 -4.77 17.26
CA MET A 33 -11.63 -5.21 18.63
C MET A 33 -12.38 -4.32 19.63
N ARG A 34 -12.70 -3.11 19.20
CA ARG A 34 -13.40 -2.16 20.05
C ARG A 34 -14.86 -2.57 20.22
N LYS A 35 -15.42 -3.18 19.18
CA LYS A 35 -16.81 -3.62 19.22
C LYS A 35 -17.08 -4.49 20.44
N MET A 1 19.17 5.82 -10.01
CA MET A 1 18.66 5.32 -11.28
C MET A 1 17.30 5.95 -11.61
N GLU A 2 17.28 6.76 -12.67
CA GLU A 2 16.05 7.42 -13.09
C GLU A 2 15.62 6.95 -14.47
N GLN A 3 15.83 5.66 -14.74
CA GLN A 3 15.45 5.07 -16.02
C GLN A 3 14.28 4.11 -15.85
N SER A 4 13.84 3.53 -16.96
CA SER A 4 12.73 2.60 -16.96
C SER A 4 11.51 3.21 -16.24
N THR A 5 10.88 4.18 -16.89
CA THR A 5 9.72 4.83 -16.31
C THR A 5 8.68 3.82 -15.86
N GLU A 6 8.45 2.80 -16.67
CA GLU A 6 7.49 1.76 -16.35
C GLU A 6 7.83 1.08 -15.03
N VAL A 7 9.10 0.72 -14.86
CA VAL A 7 9.56 0.08 -13.64
C VAL A 7 9.35 0.98 -12.42
N LEU A 8 9.70 2.25 -12.57
CA LEU A 8 9.55 3.21 -11.49
C LEU A 8 8.09 3.37 -11.09
N ALA A 9 7.22 3.47 -12.09
CA ALA A 9 5.79 3.62 -11.83
C ALA A 9 5.24 2.39 -11.11
N ALA A 10 5.71 1.22 -11.49
CA ALA A 10 5.26 -0.03 -10.87
C ALA A 10 5.69 -0.10 -9.41
N VAL A 11 6.91 0.36 -9.14
CA VAL A 11 7.45 0.35 -7.78
C VAL A 11 6.68 1.29 -6.88
N ILE A 12 6.48 2.52 -7.35
CA ILE A 12 5.75 3.53 -6.57
C ILE A 12 4.30 3.11 -6.37
N ALA A 13 3.68 2.61 -7.43
CA ALA A 13 2.29 2.18 -7.37
C ALA A 13 2.11 1.03 -6.38
N GLY A 14 3.04 0.07 -6.42
CA GLY A 14 2.97 -1.06 -5.52
C GLY A 14 3.15 -0.68 -4.08
N GLY A 15 4.03 0.28 -3.82
CA GLY A 15 4.28 0.74 -2.47
C GLY A 15 3.11 1.50 -1.89
N VAL A 16 2.49 2.34 -2.71
CA VAL A 16 1.34 3.12 -2.26
C VAL A 16 0.14 2.24 -1.95
N ILE A 17 -0.15 1.32 -2.87
CA ILE A 17 -1.27 0.39 -2.70
C ILE A 17 -1.04 -0.53 -1.51
N GLY A 18 0.17 -1.06 -1.40
CA GLY A 18 0.49 -1.96 -0.30
C GLY A 18 0.42 -1.27 1.05
N PHE A 19 0.95 -0.05 1.11
CA PHE A 19 0.93 0.71 2.36
C PHE A 19 -0.48 1.05 2.78
N LEU A 20 -1.31 1.45 1.83
CA LEU A 20 -2.70 1.80 2.10
C LEU A 20 -3.48 0.58 2.59
N PHE A 21 -3.20 -0.58 2.01
CA PHE A 21 -3.86 -1.82 2.39
C PHE A 21 -3.46 -2.24 3.80
N ALA A 22 -2.17 -2.13 4.10
CA ALA A 22 -1.65 -2.50 5.40
C ALA A 22 -2.26 -1.63 6.51
N ILE A 23 -2.32 -0.32 6.25
CA ILE A 23 -2.88 0.61 7.22
C ILE A 23 -4.37 0.38 7.41
N PHE A 24 -5.05 0.03 6.32
CA PHE A 24 -6.49 -0.21 6.37
C PHE A 24 -6.79 -1.48 7.17
N LEU A 25 -5.97 -2.51 6.99
CA LEU A 25 -6.15 -3.77 7.69
C LEU A 25 -5.90 -3.60 9.19
N ILE A 26 -4.85 -2.86 9.53
CA ILE A 26 -4.51 -2.62 10.93
C ILE A 26 -5.59 -1.81 11.62
N LEU A 27 -6.05 -0.76 10.96
CA LEU A 27 -7.09 0.10 11.52
C LEU A 27 -8.39 -0.67 11.72
N LEU A 28 -8.72 -1.52 10.75
CA LEU A 28 -9.94 -2.33 10.83
C LEU A 28 -9.86 -3.32 11.99
N LEU A 29 -8.68 -3.91 12.17
CA LEU A 29 -8.48 -4.88 13.23
C LEU A 29 -8.60 -4.23 14.60
N VAL A 30 -7.92 -3.10 14.78
CA VAL A 30 -7.96 -2.37 16.04
C VAL A 30 -9.36 -1.82 16.31
N TYR A 31 -10.07 -1.47 15.24
CA TYR A 31 -11.41 -0.93 15.36
C TYR A 31 -12.39 -1.98 15.88
N ARG A 32 -12.46 -3.10 15.17
CA ARG A 32 -13.34 -4.19 15.56
C ARG A 32 -13.09 -4.62 17.00
N MET A 33 -11.81 -4.69 17.38
CA MET A 33 -11.44 -5.08 18.73
C MET A 33 -11.99 -4.10 19.75
N ARG A 34 -12.27 -2.88 19.30
CA ARG A 34 -12.80 -1.84 20.19
C ARG A 34 -14.24 -2.16 20.58
N LYS A 35 -14.98 -2.78 19.67
CA LYS A 35 -16.37 -3.14 19.92
C LYS A 35 -16.49 -4.02 21.16
N MET A 1 18.48 12.42 -14.98
CA MET A 1 18.76 11.01 -15.21
C MET A 1 17.79 10.13 -14.43
N GLU A 2 16.77 9.63 -15.11
CA GLU A 2 15.77 8.78 -14.48
C GLU A 2 15.54 7.51 -15.30
N GLN A 3 14.82 7.64 -16.41
CA GLN A 3 14.54 6.51 -17.28
C GLN A 3 13.80 5.41 -16.51
N SER A 4 13.50 4.31 -17.20
CA SER A 4 12.81 3.19 -16.58
C SER A 4 11.52 3.66 -15.91
N THR A 5 10.84 4.61 -16.54
CA THR A 5 9.59 5.14 -16.00
C THR A 5 8.62 4.03 -15.64
N GLU A 6 8.53 3.02 -16.51
CA GLU A 6 7.64 1.90 -16.28
C GLU A 6 7.98 1.18 -14.98
N VAL A 7 9.26 0.92 -14.77
CA VAL A 7 9.72 0.26 -13.55
C VAL A 7 9.38 1.07 -12.31
N LEU A 8 9.62 2.37 -12.38
CA LEU A 8 9.34 3.27 -11.26
C LEU A 8 7.85 3.27 -10.93
N ALA A 9 7.02 3.32 -11.98
CA ALA A 9 5.57 3.32 -11.80
C ALA A 9 5.09 2.04 -11.13
N ALA A 10 5.69 0.91 -11.52
CA ALA A 10 5.32 -0.38 -10.95
C ALA A 10 5.67 -0.44 -9.47
N VAL A 11 6.89 -0.08 -9.13
CA VAL A 11 7.34 -0.09 -7.75
C VAL A 11 6.60 0.95 -6.92
N ILE A 12 6.42 2.14 -7.48
CA ILE A 12 5.73 3.22 -6.80
C ILE A 12 4.27 2.86 -6.53
N ALA A 13 3.59 2.37 -7.56
CA ALA A 13 2.20 1.97 -7.44
C ALA A 13 2.03 0.86 -6.42
N GLY A 14 2.92 -0.13 -6.47
CA GLY A 14 2.85 -1.24 -5.54
C GLY A 14 3.07 -0.82 -4.11
N GLY A 15 3.97 0.14 -3.91
CA GLY A 15 4.26 0.62 -2.57
C GLY A 15 3.11 1.42 -1.98
N VAL A 16 2.48 2.25 -2.80
CA VAL A 16 1.36 3.07 -2.36
C VAL A 16 0.16 2.21 -2.00
N ILE A 17 -0.20 1.29 -2.89
CA ILE A 17 -1.33 0.40 -2.66
C ILE A 17 -1.08 -0.53 -1.49
N GLY A 18 0.16 -1.05 -1.41
CA GLY A 18 0.51 -1.95 -0.33
C GLY A 18 0.46 -1.27 1.03
N PHE A 19 0.99 -0.06 1.10
CA PHE A 19 1.00 0.70 2.36
C PHE A 19 -0.42 1.03 2.80
N LEU A 20 -1.25 1.45 1.85
CA LEU A 20 -2.62 1.81 2.15
C LEU A 20 -3.42 0.60 2.63
N PHE A 21 -3.14 -0.55 2.03
CA PHE A 21 -3.81 -1.79 2.39
C PHE A 21 -3.40 -2.25 3.79
N ALA A 22 -2.11 -2.14 4.08
CA ALA A 22 -1.58 -2.54 5.38
C ALA A 22 -2.17 -1.69 6.50
N ILE A 23 -2.19 -0.38 6.30
CA ILE A 23 -2.73 0.54 7.28
C ILE A 23 -4.23 0.36 7.44
N PHE A 24 -4.91 0.05 6.34
CA PHE A 24 -6.35 -0.15 6.35
C PHE A 24 -6.71 -1.41 7.13
N LEU A 25 -5.92 -2.46 6.95
CA LEU A 25 -6.16 -3.73 7.63
C LEU A 25 -5.92 -3.59 9.13
N ILE A 26 -4.84 -2.91 9.49
CA ILE A 26 -4.50 -2.71 10.89
C ILE A 26 -5.54 -1.85 11.59
N LEU A 27 -5.94 -0.77 10.93
CA LEU A 27 -6.94 0.14 11.50
C LEU A 27 -8.28 -0.57 11.69
N LEU A 28 -8.66 -1.37 10.70
CA LEU A 28 -9.91 -2.11 10.75
C LEU A 28 -9.91 -3.11 11.91
N LEU A 29 -8.79 -3.81 12.07
CA LEU A 29 -8.64 -4.80 13.13
C LEU A 29 -8.71 -4.13 14.50
N VAL A 30 -8.01 -3.01 14.64
CA VAL A 30 -7.99 -2.28 15.91
C VAL A 30 -9.39 -1.79 16.28
N TYR A 31 -10.10 -1.23 15.29
CA TYR A 31 -11.44 -0.71 15.52
C TYR A 31 -12.39 -1.84 15.92
N ARG A 32 -12.34 -2.95 15.18
CA ARG A 32 -13.19 -4.10 15.46
C ARG A 32 -12.90 -4.68 16.84
N MET A 33 -11.61 -4.75 17.17
CA MET A 33 -11.19 -5.29 18.46
C MET A 33 -11.69 -4.41 19.60
N ARG A 34 -11.96 -3.15 19.29
CA ARG A 34 -12.44 -2.20 20.30
C ARG A 34 -13.66 -2.76 21.04
N LYS A 35 -14.46 -3.55 20.33
CA LYS A 35 -15.65 -4.15 20.92
C LYS A 35 -15.28 -5.15 22.01
N MET A 1 9.25 -5.35 -22.32
CA MET A 1 9.55 -3.92 -22.17
C MET A 1 10.04 -3.63 -20.76
N GLU A 2 11.19 -2.97 -20.66
CA GLU A 2 11.77 -2.62 -19.37
C GLU A 2 11.60 -1.14 -19.08
N GLN A 3 12.40 -0.31 -19.74
CA GLN A 3 12.34 1.14 -19.55
C GLN A 3 12.58 1.50 -18.08
N SER A 4 12.50 2.79 -17.78
CA SER A 4 12.73 3.27 -16.42
C SER A 4 11.42 3.73 -15.79
N THR A 5 10.59 4.41 -16.58
CA THR A 5 9.31 4.91 -16.10
C THR A 5 8.38 3.77 -15.73
N GLU A 6 8.37 2.72 -16.55
CA GLU A 6 7.53 1.56 -16.31
C GLU A 6 7.87 0.90 -14.97
N VAL A 7 9.15 0.63 -14.76
CA VAL A 7 9.60 0.01 -13.52
C VAL A 7 9.37 0.94 -12.33
N LEU A 8 9.66 2.22 -12.52
CA LEU A 8 9.47 3.20 -11.46
C LEU A 8 8.01 3.32 -11.06
N ALA A 9 7.13 3.38 -12.05
CA ALA A 9 5.70 3.47 -11.81
C ALA A 9 5.18 2.25 -11.06
N ALA A 10 5.69 1.08 -11.43
CA ALA A 10 5.28 -0.17 -10.80
C ALA A 10 5.74 -0.23 -9.35
N VAL A 11 6.96 0.24 -9.10
CA VAL A 11 7.53 0.24 -7.76
C VAL A 11 6.76 1.19 -6.85
N ILE A 12 6.60 2.43 -7.31
CA ILE A 12 5.89 3.44 -6.54
C ILE A 12 4.42 3.06 -6.35
N ALA A 13 3.80 2.56 -7.41
CA ALA A 13 2.41 2.15 -7.35
C ALA A 13 2.20 1.01 -6.35
N GLY A 14 3.10 0.03 -6.39
CA GLY A 14 3.00 -1.10 -5.48
C GLY A 14 3.21 -0.70 -4.03
N GLY A 15 4.10 0.26 -3.80
CA GLY A 15 4.37 0.71 -2.45
C GLY A 15 3.21 1.50 -1.87
N VAL A 16 2.61 2.35 -2.68
CA VAL A 16 1.47 3.17 -2.24
C VAL A 16 0.26 2.30 -1.93
N ILE A 17 -0.07 1.40 -2.85
CA ILE A 17 -1.21 0.51 -2.68
C ILE A 17 -1.00 -0.43 -1.50
N GLY A 18 0.21 -0.98 -1.40
CA GLY A 18 0.52 -1.89 -0.31
C GLY A 18 0.46 -1.22 1.05
N PHE A 19 1.00 -0.01 1.13
CA PHE A 19 1.00 0.74 2.38
C PHE A 19 -0.42 1.09 2.81
N LEU A 20 -1.22 1.52 1.85
CA LEU A 20 -2.61 1.89 2.13
C LEU A 20 -3.42 0.68 2.60
N PHE A 21 -3.15 -0.47 2.00
CA PHE A 21 -3.85 -1.69 2.37
C PHE A 21 -3.45 -2.15 3.76
N ALA A 22 -2.16 -2.07 4.06
CA ALA A 22 -1.66 -2.47 5.38
C ALA A 22 -2.26 -1.61 6.48
N ILE A 23 -2.29 -0.29 6.25
CA ILE A 23 -2.83 0.64 7.23
C ILE A 23 -4.34 0.43 7.41
N PHE A 24 -5.02 0.13 6.32
CA PHE A 24 -6.46 -0.10 6.35
C PHE A 24 -6.79 -1.37 7.12
N LEU A 25 -5.99 -2.41 6.92
CA LEU A 25 -6.20 -3.68 7.60
C LEU A 25 -5.94 -3.55 9.09
N ILE A 26 -4.88 -2.84 9.45
CA ILE A 26 -4.53 -2.64 10.85
C ILE A 26 -5.60 -1.83 11.57
N LEU A 27 -6.04 -0.75 10.94
CA LEU A 27 -7.07 0.11 11.52
C LEU A 27 -8.38 -0.66 11.71
N LEU A 28 -8.73 -1.48 10.73
CA LEU A 28 -9.96 -2.27 10.79
C LEU A 28 -9.88 -3.29 11.91
N LEU A 29 -8.72 -3.91 12.07
CA LEU A 29 -8.52 -4.91 13.11
C LEU A 29 -8.63 -4.29 14.50
N VAL A 30 -7.91 -3.18 14.70
CA VAL A 30 -7.94 -2.48 15.98
C VAL A 30 -9.31 -1.91 16.27
N TYR A 31 -10.02 -1.50 15.22
CA TYR A 31 -11.36 -0.94 15.36
C TYR A 31 -12.37 -2.01 15.74
N ARG A 32 -12.37 -3.11 14.99
CA ARG A 32 -13.29 -4.21 15.24
C ARG A 32 -13.08 -4.79 16.64
N MET A 33 -11.82 -4.83 17.07
CA MET A 33 -11.49 -5.36 18.40
C MET A 33 -12.08 -4.49 19.49
N ARG A 34 -12.38 -3.23 19.16
CA ARG A 34 -12.95 -2.29 20.11
C ARG A 34 -14.41 -2.64 20.41
N LYS A 35 -15.09 -3.18 19.40
CA LYS A 35 -16.49 -3.56 19.54
C LYS A 35 -16.69 -4.48 20.73
N MET A 1 16.33 8.30 -13.63
CA MET A 1 16.31 7.73 -14.98
C MET A 1 15.12 8.24 -15.77
N GLU A 2 15.11 7.97 -17.07
CA GLU A 2 14.03 8.41 -17.94
C GLU A 2 13.36 7.22 -18.62
N GLN A 3 14.17 6.20 -18.93
CA GLN A 3 13.65 5.00 -19.59
C GLN A 3 13.24 3.96 -18.56
N SER A 4 13.14 4.37 -17.31
CA SER A 4 12.75 3.46 -16.22
C SER A 4 11.41 3.88 -15.63
N THR A 5 10.59 4.55 -16.43
CA THR A 5 9.28 5.00 -15.98
C THR A 5 8.36 3.81 -15.68
N GLU A 6 8.39 2.81 -16.55
CA GLU A 6 7.56 1.62 -16.38
C GLU A 6 7.89 0.92 -15.06
N VAL A 7 9.18 0.66 -14.84
CA VAL A 7 9.62 0.00 -13.62
C VAL A 7 9.36 0.86 -12.39
N LEU A 8 9.64 2.15 -12.51
CA LEU A 8 9.44 3.09 -11.41
C LEU A 8 7.95 3.17 -11.04
N ALA A 9 7.10 3.24 -12.05
CA ALA A 9 5.67 3.31 -11.83
C ALA A 9 5.15 2.05 -11.16
N ALA A 10 5.68 0.90 -11.55
CA ALA A 10 5.27 -0.38 -10.99
C ALA A 10 5.62 -0.45 -9.50
N VAL A 11 6.86 -0.13 -9.17
CA VAL A 11 7.32 -0.15 -7.79
C VAL A 11 6.62 0.90 -6.95
N ILE A 12 6.47 2.10 -7.53
CA ILE A 12 5.81 3.19 -6.84
C ILE A 12 4.35 2.87 -6.54
N ALA A 13 3.64 2.39 -7.56
CA ALA A 13 2.23 2.03 -7.41
C ALA A 13 2.06 0.92 -6.38
N GLY A 14 2.94 -0.08 -6.44
CA GLY A 14 2.87 -1.18 -5.50
C GLY A 14 3.16 -0.76 -4.07
N GLY A 15 4.04 0.21 -3.91
CA GLY A 15 4.39 0.69 -2.58
C GLY A 15 3.27 1.49 -1.94
N VAL A 16 2.65 2.37 -2.72
CA VAL A 16 1.56 3.20 -2.23
C VAL A 16 0.33 2.36 -1.89
N ILE A 17 -0.02 1.45 -2.80
CA ILE A 17 -1.17 0.58 -2.60
C ILE A 17 -0.94 -0.38 -1.44
N GLY A 18 0.28 -0.88 -1.34
CA GLY A 18 0.61 -1.81 -0.26
C GLY A 18 0.55 -1.16 1.10
N PHE A 19 1.10 0.04 1.21
CA PHE A 19 1.10 0.78 2.47
C PHE A 19 -0.32 1.14 2.89
N LEU A 20 -1.12 1.59 1.93
CA LEU A 20 -2.50 1.98 2.21
C LEU A 20 -3.33 0.77 2.66
N PHE A 21 -3.06 -0.38 2.03
CA PHE A 21 -3.78 -1.60 2.37
C PHE A 21 -3.39 -2.09 3.77
N ALA A 22 -2.11 -2.02 4.08
CA ALA A 22 -1.62 -2.46 5.39
C ALA A 22 -2.20 -1.61 6.50
N ILE A 23 -2.22 -0.30 6.30
CA ILE A 23 -2.76 0.63 7.28
C ILE A 23 -4.26 0.44 7.46
N PHE A 24 -4.95 0.15 6.35
CA PHE A 24 -6.39 -0.05 6.37
C PHE A 24 -6.74 -1.33 7.13
N LEU A 25 -5.95 -2.36 6.92
CA LEU A 25 -6.18 -3.65 7.58
C LEU A 25 -5.94 -3.54 9.09
N ILE A 26 -4.87 -2.85 9.46
CA ILE A 26 -4.53 -2.67 10.86
C ILE A 26 -5.60 -1.84 11.58
N LEU A 27 -6.02 -0.76 10.95
CA LEU A 27 -7.04 0.12 11.53
C LEU A 27 -8.36 -0.62 11.70
N LEU A 28 -8.72 -1.40 10.69
CA LEU A 28 -9.96 -2.18 10.73
C LEU A 28 -9.93 -3.20 11.86
N LEU A 29 -8.79 -3.87 12.01
CA LEU A 29 -8.64 -4.88 13.05
C LEU A 29 -8.73 -4.25 14.44
N VAL A 30 -8.05 -3.11 14.61
CA VAL A 30 -8.04 -2.40 15.88
C VAL A 30 -9.45 -1.95 16.26
N TYR A 31 -10.17 -1.38 15.30
CA TYR A 31 -11.53 -0.91 15.52
C TYR A 31 -12.46 -2.07 15.86
N ARG A 32 -12.35 -3.15 15.11
CA ARG A 32 -13.18 -4.32 15.34
C ARG A 32 -12.95 -4.90 16.72
N MET A 33 -11.69 -4.91 17.16
CA MET A 33 -11.33 -5.43 18.47
C MET A 33 -11.93 -4.57 19.58
N ARG A 34 -12.24 -3.32 19.25
CA ARG A 34 -12.82 -2.39 20.23
C ARG A 34 -14.26 -2.79 20.56
N LYS A 35 -14.95 -3.35 19.57
CA LYS A 35 -16.33 -3.78 19.77
C LYS A 35 -16.43 -4.83 20.86
#